data_5J69
#
_entry.id   5J69
#
_cell.length_a   98.700
_cell.length_b   86.600
_cell.length_c   108.360
_cell.angle_alpha   90.00
_cell.angle_beta   111.74
_cell.angle_gamma   90.00
#
_symmetry.space_group_name_H-M   'C 1 2 1'
#
loop_
_entity.id
_entity.type
_entity.pdbx_description
1 polymer Astrotactin-2
2 non-polymer 2-acetamido-2-deoxy-beta-D-glucopyranose
#
_entity_poly.entity_id   1
_entity_poly.type   'polypeptide(L)'
_entity_poly.pdbx_seq_one_letter_code
;KFNDTLFGEMLHGYNNRTQHVNQGQVFQMTFRENNFIKDFPQLADGLLVIPLPVEEQCRGVLSEPLPDLQLLTGDIRYDE
AMGYPMVQQWRVRSNLYRVKLSTITLAAGFTNVLKILTKESSREELLSFIQHYGSHYIAEALYGSELTCIIHFPSKKVQQ
QLWLQYQKETTELGSKKELKSMPFITYLSGLLTAQMLSDDQLISGVEIRCEEKGRCPSTCHLCRRPGKEQLSPTPVLLEI
NRVVPLYTLIQDNGTKEAFKSALMSS
;
_entity_poly.pdbx_strand_id   A,B
#
# COMPACT_ATOMS: atom_id res chain seq x y z
N PHE A 2 -13.90 13.38 -0.45
CA PHE A 2 -13.89 14.35 -1.54
C PHE A 2 -12.57 15.11 -1.60
N ASN A 3 -11.82 14.87 -2.68
CA ASN A 3 -10.57 15.59 -2.97
C ASN A 3 -9.55 15.38 -1.85
N ASP A 4 -9.40 14.13 -1.41
CA ASP A 4 -8.46 13.78 -0.36
C ASP A 4 -7.55 12.66 -0.83
N THR A 5 -6.25 12.90 -0.75
CA THR A 5 -5.23 11.92 -1.06
C THR A 5 -4.31 11.74 0.15
N LEU A 6 -3.28 10.93 -0.02
CA LEU A 6 -2.30 10.71 1.02
C LEU A 6 -1.13 11.67 0.84
N PHE A 7 -0.75 12.34 1.93
CA PHE A 7 0.22 13.43 1.91
C PHE A 7 -0.03 14.52 0.86
N GLY A 8 -1.24 15.08 0.76
CA GLY A 8 -2.39 14.73 1.59
C GLY A 8 -3.10 15.92 2.19
N GLU A 9 -2.56 16.44 3.29
CA GLU A 9 -3.16 17.55 4.01
C GLU A 9 -2.46 18.87 3.75
N MET A 10 -1.29 18.84 3.09
CA MET A 10 -0.63 20.08 2.68
C MET A 10 -1.47 20.86 1.69
N LEU A 11 -2.35 20.17 0.96
CA LEU A 11 -3.11 20.81 -0.10
C LEU A 11 -4.22 21.70 0.46
N HIS A 12 -4.91 21.24 1.51
CA HIS A 12 -6.13 21.90 1.95
C HIS A 12 -5.89 23.13 2.81
N GLY A 13 -4.65 23.39 3.21
CA GLY A 13 -4.38 24.55 4.05
C GLY A 13 -4.50 24.25 5.52
N TYR A 14 -4.49 25.31 6.31
CA TYR A 14 -4.48 25.19 7.77
C TYR A 14 -5.11 26.42 8.39
N ASN A 15 -6.17 26.21 9.18
CA ASN A 15 -6.72 27.28 9.99
C ASN A 15 -5.87 27.44 11.24
N ASN A 16 -5.50 28.67 11.57
CA ASN A 16 -4.44 28.93 12.52
C ASN A 16 -4.93 29.31 13.91
N ARG A 17 -6.07 29.98 14.01
CA ARG A 17 -6.60 30.33 15.34
C ARG A 17 -7.24 29.13 16.03
N THR A 18 -7.84 28.21 15.27
CA THR A 18 -8.50 27.05 15.83
C THR A 18 -7.70 25.76 15.67
N GLN A 19 -6.50 25.84 15.08
CA GLN A 19 -5.62 24.69 14.93
C GLN A 19 -6.28 23.54 14.18
N HIS A 20 -7.18 23.86 13.25
CA HIS A 20 -7.84 22.85 12.43
C HIS A 20 -7.20 22.80 11.05
N VAL A 21 -7.13 21.59 10.49
CA VAL A 21 -6.54 21.36 9.18
C VAL A 21 -7.63 20.84 8.26
N ASN A 22 -7.32 20.81 6.96
CA ASN A 22 -8.23 20.33 5.92
C ASN A 22 -9.49 21.18 5.86
N GLN A 23 -9.38 22.36 5.23
CA GLN A 23 -10.52 23.26 5.08
C GLN A 23 -10.33 24.04 3.78
N GLY A 24 -11.16 23.76 2.78
CA GLY A 24 -11.01 24.36 1.47
C GLY A 24 -9.84 23.75 0.71
N GLN A 25 -9.75 24.02 -0.59
CA GLN A 25 -8.68 23.50 -1.43
C GLN A 25 -8.04 24.65 -2.17
N VAL A 26 -6.75 24.89 -1.91
CA VAL A 26 -6.11 26.07 -2.47
C VAL A 26 -5.37 25.75 -3.77
N PHE A 27 -4.69 24.62 -3.86
CA PHE A 27 -4.04 24.19 -5.09
C PHE A 27 -4.82 23.03 -5.70
N GLN A 28 -4.32 22.49 -6.81
CA GLN A 28 -4.93 21.37 -7.49
C GLN A 28 -4.05 20.14 -7.33
N MET A 29 -4.63 19.02 -6.92
CA MET A 29 -3.91 17.76 -6.88
C MET A 29 -3.80 17.24 -8.30
N THR A 30 -2.61 17.35 -8.89
CA THR A 30 -2.34 16.85 -10.22
C THR A 30 -1.41 15.65 -10.12
N PHE A 31 -1.50 14.76 -11.11
CA PHE A 31 -0.70 13.54 -11.15
C PHE A 31 0.20 13.51 -12.38
N ARG A 32 0.58 14.68 -12.88
CA ARG A 32 1.47 14.73 -14.04
C ARG A 32 2.89 14.34 -13.65
N GLU A 33 3.50 15.09 -12.73
CA GLU A 33 4.81 14.75 -12.23
C GLU A 33 4.78 13.43 -11.48
N ASN A 34 5.89 12.71 -11.53
CA ASN A 34 5.98 11.37 -10.92
C ASN A 34 6.77 11.43 -9.61
N ASN A 35 6.27 12.26 -8.69
CA ASN A 35 6.85 12.34 -7.35
C ASN A 35 6.51 11.09 -6.56
N PHE A 36 7.02 9.94 -7.00
CA PHE A 36 6.67 8.67 -6.40
C PHE A 36 7.54 8.37 -5.18
N ILE A 37 6.99 7.58 -4.26
CA ILE A 37 7.71 7.06 -3.11
C ILE A 37 7.55 5.55 -3.11
N LYS A 38 8.64 4.84 -2.78
CA LYS A 38 8.63 3.38 -2.83
C LYS A 38 7.52 2.81 -1.94
N ASP A 39 6.77 1.86 -2.50
CA ASP A 39 5.69 1.17 -1.79
C ASP A 39 4.56 2.13 -1.41
N PHE A 40 4.26 3.08 -2.30
CA PHE A 40 3.16 4.00 -2.10
C PHE A 40 2.65 4.43 -3.47
N PRO A 41 1.33 4.69 -3.60
CA PRO A 41 0.77 5.04 -4.91
C PRO A 41 1.19 6.41 -5.41
N GLN A 42 0.52 6.87 -6.46
CA GLN A 42 0.83 8.18 -7.04
C GLN A 42 0.49 9.30 -6.06
N LEU A 43 1.40 10.27 -5.97
CA LEU A 43 1.23 11.42 -5.10
C LEU A 43 0.92 12.66 -5.93
N ALA A 44 0.26 13.62 -5.29
CA ALA A 44 -0.04 14.88 -5.95
C ALA A 44 1.24 15.63 -6.27
N ASP A 45 1.18 16.46 -7.32
CA ASP A 45 2.36 17.18 -7.76
C ASP A 45 2.56 18.46 -6.96
N GLY A 46 3.77 18.99 -7.03
CA GLY A 46 4.14 20.19 -6.33
C GLY A 46 4.76 19.99 -4.97
N LEU A 47 4.67 18.78 -4.42
CA LEU A 47 5.18 18.50 -3.08
C LEU A 47 6.42 17.61 -3.18
N LEU A 48 7.37 17.83 -2.29
CA LEU A 48 8.61 17.06 -2.22
C LEU A 48 8.69 16.41 -0.85
N VAL A 49 8.78 15.08 -0.82
CA VAL A 49 8.78 14.31 0.41
C VAL A 49 10.06 13.51 0.49
N ILE A 50 10.73 13.57 1.64
CA ILE A 50 11.98 12.83 1.88
C ILE A 50 11.92 12.22 3.27
N PRO A 51 12.17 10.90 3.40
CA PRO A 51 12.13 10.28 4.72
C PRO A 51 13.23 10.82 5.63
N LEU A 52 12.97 10.76 6.94
CA LEU A 52 13.98 11.15 7.90
C LEU A 52 15.18 10.20 7.82
N PRO A 53 16.36 10.68 8.24
CA PRO A 53 17.52 9.78 8.29
C PRO A 53 17.27 8.60 9.20
N VAL A 54 17.98 7.50 8.93
CA VAL A 54 17.80 6.28 9.71
C VAL A 54 18.16 6.50 11.17
N GLU A 55 19.03 7.48 11.44
CA GLU A 55 19.38 7.80 12.82
C GLU A 55 18.16 8.24 13.61
N GLU A 56 17.28 9.03 13.00
CA GLU A 56 16.06 9.49 13.64
C GLU A 56 14.81 8.87 13.01
N GLN A 57 14.95 7.76 12.28
CA GLN A 57 13.79 7.12 11.69
C GLN A 57 12.85 6.59 12.75
N CYS A 58 13.38 5.78 13.69
CA CYS A 58 12.63 5.31 14.85
C CYS A 58 13.41 5.72 16.09
N ARG A 59 12.86 6.66 16.86
CA ARG A 59 13.53 7.15 18.06
C ARG A 59 12.52 7.29 19.19
N GLY A 60 12.91 6.82 20.37
CA GLY A 60 12.07 6.90 21.55
C GLY A 60 12.70 7.79 22.60
N VAL A 61 11.95 8.81 23.01
CA VAL A 61 12.39 9.76 24.02
C VAL A 61 11.62 9.49 25.31
N LEU A 62 12.33 9.54 26.43
CA LEU A 62 11.75 9.36 27.76
C LEU A 62 11.78 10.73 28.44
N SER A 63 10.63 11.41 28.42
CA SER A 63 10.55 12.73 29.00
C SER A 63 10.77 12.67 30.51
N GLU A 64 11.05 13.84 31.09
CA GLU A 64 11.33 13.92 32.51
C GLU A 64 10.09 13.57 33.31
N PRO A 65 10.24 12.82 34.41
CA PRO A 65 9.07 12.49 35.25
C PRO A 65 8.42 13.75 35.80
N LEU A 66 7.13 13.91 35.50
CA LEU A 66 6.36 15.05 35.96
C LEU A 66 5.20 14.62 36.83
N PRO A 67 4.89 15.37 37.89
CA PRO A 67 3.75 15.03 38.74
C PRO A 67 2.44 14.82 37.98
N ASP A 68 1.52 14.06 38.57
CA ASP A 68 0.23 13.75 37.94
C ASP A 68 -0.78 14.81 38.38
N LEU A 69 -0.95 15.83 37.54
CA LEU A 69 -1.88 16.91 37.82
C LEU A 69 -3.25 16.70 37.21
N GLN A 70 -3.34 15.93 36.13
CA GLN A 70 -4.61 15.74 35.44
C GLN A 70 -5.60 15.00 36.32
N LEU A 71 -5.17 13.88 36.91
CA LEU A 71 -6.03 13.08 37.78
C LEU A 71 -6.06 13.59 39.21
N LEU A 72 -5.22 14.56 39.55
CA LEU A 72 -5.19 15.09 40.92
C LEU A 72 -6.24 16.16 41.15
N THR A 73 -6.72 16.80 40.08
CA THR A 73 -7.70 17.90 40.12
C THR A 73 -7.57 18.82 41.33
N ARG A 77 -3.43 18.38 48.79
CA ARG A 77 -3.01 18.08 50.14
C ARG A 77 -1.59 17.51 50.15
N TYR A 78 -0.77 18.00 51.07
CA TYR A 78 0.62 17.57 51.17
C TYR A 78 0.71 16.24 51.92
N ASP A 79 1.47 15.31 51.36
CA ASP A 79 1.71 14.02 51.99
C ASP A 79 3.15 13.62 51.71
N GLU A 80 3.89 13.27 52.77
CA GLU A 80 5.31 13.00 52.62
C GLU A 80 5.57 11.66 51.97
N ALA A 81 4.99 10.58 52.51
CA ALA A 81 5.19 9.26 51.93
C ALA A 81 4.40 9.10 50.63
N MET A 82 3.10 9.37 50.69
CA MET A 82 2.26 9.29 49.50
C MET A 82 2.59 10.45 48.56
N GLY A 83 2.18 10.30 47.30
CA GLY A 83 2.42 11.33 46.30
C GLY A 83 1.61 12.60 46.49
N TYR A 84 1.88 13.66 45.72
CA TYR A 84 2.89 13.78 44.65
C TYR A 84 2.88 12.68 43.58
N PRO A 85 1.71 12.36 43.01
CA PRO A 85 1.66 11.29 42.00
C PRO A 85 2.39 11.70 40.74
N MET A 86 3.10 10.75 40.14
CA MET A 86 3.97 11.01 39.00
C MET A 86 3.44 10.33 37.75
N VAL A 87 3.76 10.94 36.60
CA VAL A 87 3.47 10.37 35.29
C VAL A 87 4.71 10.51 34.42
N GLN A 88 4.87 9.59 33.48
CA GLN A 88 6.01 9.57 32.57
C GLN A 88 5.53 9.61 31.13
N GLN A 89 6.38 10.13 30.26
CA GLN A 89 6.10 10.22 28.83
C GLN A 89 7.19 9.48 28.05
N TRP A 90 6.77 8.58 27.18
CA TRP A 90 7.68 7.80 26.34
C TRP A 90 7.16 7.88 24.91
N ARG A 91 7.78 8.73 24.10
CA ARG A 91 7.31 9.05 22.75
C ARG A 91 8.31 8.50 21.75
N VAL A 92 7.91 7.45 21.03
CA VAL A 92 8.71 6.90 19.94
C VAL A 92 8.10 7.34 18.62
N ARG A 93 8.93 7.35 17.59
CA ARG A 93 8.53 7.83 16.27
C ARG A 93 9.18 6.94 15.21
N SER A 94 8.38 6.47 14.26
CA SER A 94 8.83 5.55 13.23
C SER A 94 8.17 5.89 11.90
N ASN A 95 8.85 5.53 10.82
CA ASN A 95 8.41 5.82 9.45
C ASN A 95 8.11 7.31 9.27
N LEU A 96 9.07 8.13 9.67
CA LEU A 96 8.88 9.57 9.63
C LEU A 96 9.24 10.12 8.25
N TYR A 97 8.52 11.16 7.84
CA TYR A 97 8.68 11.74 6.52
C TYR A 97 8.61 13.26 6.60
N ARG A 98 9.54 13.92 5.94
CA ARG A 98 9.44 15.36 5.68
C ARG A 98 8.66 15.58 4.41
N VAL A 99 7.81 16.61 4.40
CA VAL A 99 7.12 17.04 3.19
C VAL A 99 7.31 18.54 3.04
N LYS A 100 7.73 18.94 1.85
CA LYS A 100 7.83 20.33 1.42
C LYS A 100 6.82 20.58 0.30
N LEU A 101 6.95 21.73 -0.37
CA LEU A 101 6.00 22.11 -1.41
C LEU A 101 6.73 22.93 -2.48
N SER A 102 7.40 22.23 -3.38
CA SER A 102 8.14 22.87 -4.47
C SER A 102 8.11 22.03 -5.75
N THR A 103 7.43 22.53 -6.78
CA THR A 103 6.68 23.79 -6.71
C THR A 103 5.24 23.53 -7.11
N ILE A 104 4.31 24.18 -6.44
CA ILE A 104 2.90 23.81 -6.51
C ILE A 104 2.25 24.51 -7.68
N THR A 105 1.20 23.90 -8.21
CA THR A 105 0.33 24.50 -9.20
C THR A 105 -0.99 24.87 -8.56
N LEU A 106 -1.43 26.12 -8.76
CA LEU A 106 -2.59 26.63 -8.06
C LEU A 106 -3.88 26.04 -8.63
N ALA A 107 -4.92 25.99 -7.80
CA ALA A 107 -6.23 25.52 -8.24
C ALA A 107 -6.97 26.64 -8.96
N ALA A 108 -8.06 26.25 -9.63
CA ALA A 108 -8.90 27.24 -10.30
C ALA A 108 -9.92 27.84 -9.34
N GLY A 109 -10.49 27.02 -8.46
CA GLY A 109 -11.49 27.53 -7.54
C GLY A 109 -10.94 28.56 -6.56
N PHE A 110 -9.77 28.27 -5.98
CA PHE A 110 -9.20 29.20 -5.01
C PHE A 110 -8.75 30.49 -5.67
N THR A 111 -8.12 30.41 -6.85
CA THR A 111 -7.73 31.64 -7.53
C THR A 111 -8.95 32.41 -8.01
N ASN A 112 -10.05 31.72 -8.30
CA ASN A 112 -11.27 32.42 -8.71
C ASN A 112 -11.92 33.15 -7.55
N VAL A 113 -12.02 32.48 -6.39
CA VAL A 113 -12.58 33.15 -5.22
C VAL A 113 -11.68 34.29 -4.78
N LEU A 114 -10.36 34.14 -4.96
CA LEU A 114 -9.47 35.30 -4.80
C LEU A 114 -9.88 36.42 -5.74
N LYS A 115 -9.99 36.12 -7.04
CA LYS A 115 -10.32 37.12 -8.03
C LYS A 115 -11.59 37.89 -7.65
N ILE A 116 -12.65 37.17 -7.30
CA ILE A 116 -13.87 37.87 -6.87
C ILE A 116 -13.68 38.56 -5.53
N LEU A 117 -12.64 38.19 -4.77
CA LEU A 117 -12.32 38.91 -3.55
C LEU A 117 -11.32 40.03 -3.78
N THR A 118 -10.43 39.90 -4.77
CA THR A 118 -9.46 40.96 -5.04
C THR A 118 -10.14 42.21 -5.59
N LYS A 119 -11.12 42.02 -6.49
CA LYS A 119 -11.69 43.15 -7.21
C LYS A 119 -12.45 44.10 -6.28
N GLU A 120 -13.06 43.58 -5.21
CA GLU A 120 -13.69 44.43 -4.21
C GLU A 120 -13.38 43.87 -2.83
N SER A 121 -12.92 44.74 -1.94
CA SER A 121 -12.55 44.35 -0.59
C SER A 121 -13.73 44.58 0.35
N SER A 122 -14.19 43.50 0.98
CA SER A 122 -15.31 43.56 1.91
C SER A 122 -14.94 42.88 3.21
N ARG A 123 -15.64 43.25 4.27
CA ARG A 123 -15.29 42.80 5.62
C ARG A 123 -15.84 41.40 5.91
N GLU A 124 -17.16 41.27 5.96
CA GLU A 124 -17.78 39.98 6.24
C GLU A 124 -17.33 38.91 5.23
N GLU A 125 -17.18 39.30 3.97
CA GLU A 125 -16.79 38.36 2.94
C GLU A 125 -15.38 37.83 3.18
N LEU A 126 -14.44 38.73 3.47
CA LEU A 126 -13.08 38.29 3.75
C LEU A 126 -13.02 37.45 5.02
N LEU A 127 -13.84 37.79 6.02
CA LEU A 127 -13.89 36.99 7.24
C LEU A 127 -14.38 35.57 6.94
N SER A 128 -15.42 35.44 6.10
CA SER A 128 -15.90 34.10 5.74
C SER A 128 -14.88 33.35 4.90
N PHE A 129 -14.17 34.06 4.03
CA PHE A 129 -13.10 33.44 3.25
C PHE A 129 -12.02 32.87 4.18
N ILE A 130 -11.65 33.62 5.22
CA ILE A 130 -10.69 33.12 6.19
C ILE A 130 -11.26 31.93 6.93
N GLN A 131 -12.55 31.99 7.30
CA GLN A 131 -13.16 30.89 8.03
C GLN A 131 -13.26 29.63 7.18
N HIS A 132 -13.25 29.75 5.85
CA HIS A 132 -13.27 28.57 4.98
C HIS A 132 -11.83 28.09 4.70
N TYR A 133 -11.10 28.85 3.89
CA TYR A 133 -9.77 28.42 3.45
C TYR A 133 -8.69 28.61 4.51
N GLY A 134 -9.07 28.74 5.77
CA GLY A 134 -8.11 29.01 6.82
C GLY A 134 -7.47 30.37 6.64
N SER A 135 -6.35 30.55 7.35
CA SER A 135 -5.56 31.77 7.25
C SER A 135 -4.14 31.54 6.76
N HIS A 136 -3.63 30.32 6.84
CA HIS A 136 -2.28 30.02 6.40
C HIS A 136 -2.29 28.70 5.62
N TYR A 137 -1.22 28.48 4.85
CA TYR A 137 -0.95 27.20 4.24
C TYR A 137 0.40 26.70 4.73
N ILE A 138 0.54 25.40 4.83
CA ILE A 138 1.70 24.77 5.47
C ILE A 138 2.78 24.55 4.41
N ALA A 139 4.04 24.73 4.81
CA ALA A 139 5.18 24.54 3.92
C ALA A 139 5.89 23.21 4.14
N GLU A 140 6.38 22.98 5.36
CA GLU A 140 7.04 21.73 5.73
C GLU A 140 6.24 21.04 6.82
N ALA A 141 6.13 19.71 6.73
CA ALA A 141 5.43 18.97 7.77
C ALA A 141 6.12 17.63 7.98
N LEU A 142 5.92 17.06 9.17
CA LEU A 142 6.52 15.79 9.58
C LEU A 142 5.42 14.77 9.81
N TYR A 143 5.38 13.76 8.96
CA TYR A 143 4.47 12.63 9.08
C TYR A 143 5.20 11.43 9.67
N GLY A 144 4.44 10.39 9.99
CA GLY A 144 5.01 9.16 10.49
C GLY A 144 4.04 8.45 11.40
N SER A 145 4.61 7.57 12.24
CA SER A 145 3.85 6.81 13.23
C SER A 145 4.45 7.08 14.59
N GLU A 146 3.67 7.67 15.49
CA GLU A 146 4.16 8.11 16.78
C GLU A 146 3.42 7.37 17.89
N LEU A 147 4.18 6.71 18.76
CA LEU A 147 3.64 6.04 19.93
C LEU A 147 3.91 6.91 21.15
N THR A 148 2.87 7.50 21.71
CA THR A 148 2.97 8.31 22.92
C THR A 148 2.54 7.48 24.12
N CYS A 149 3.38 7.45 25.15
CA CYS A 149 3.11 6.67 26.35
C CYS A 149 3.11 7.57 27.58
N ILE A 150 2.18 7.28 28.49
CA ILE A 150 2.06 7.97 29.77
C ILE A 150 1.96 6.91 30.86
N ILE A 151 2.72 7.09 31.93
CA ILE A 151 2.83 6.14 33.03
C ILE A 151 2.34 6.82 34.30
N HIS A 152 1.46 6.15 35.03
CA HIS A 152 0.88 6.70 36.25
C HIS A 152 1.58 6.08 37.46
N PHE A 153 2.02 6.95 38.38
CA PHE A 153 2.72 6.53 39.59
C PHE A 153 1.99 7.06 40.83
N PRO A 154 2.07 6.34 41.95
CA PRO A 154 1.40 6.80 43.17
C PRO A 154 2.15 7.92 43.90
N SER A 155 3.45 7.75 44.10
CA SER A 155 4.24 8.65 44.91
C SER A 155 5.40 9.24 44.10
N LYS A 156 6.21 10.06 44.76
CA LYS A 156 7.41 10.64 44.16
C LYS A 156 8.63 9.76 44.37
N LYS A 157 8.67 8.96 45.44
CA LYS A 157 9.80 8.09 45.68
C LYS A 157 9.72 6.79 44.88
N VAL A 158 8.53 6.40 44.42
CA VAL A 158 8.37 5.10 43.77
C VAL A 158 9.03 5.10 42.40
N GLN A 159 8.81 6.16 41.60
CA GLN A 159 9.41 6.19 40.27
C GLN A 159 10.90 6.50 40.33
N GLN A 160 11.38 7.10 41.42
CA GLN A 160 12.81 7.27 41.60
C GLN A 160 13.48 5.96 41.98
N GLN A 161 12.83 5.18 42.87
CA GLN A 161 13.35 3.87 43.21
C GLN A 161 13.36 2.95 41.98
N LEU A 162 12.27 2.97 41.21
CA LEU A 162 12.24 2.20 39.97
C LEU A 162 13.29 2.70 38.98
N TRP A 163 13.48 4.03 38.93
CA TRP A 163 14.48 4.60 38.04
C TRP A 163 15.88 4.07 38.38
N LEU A 164 16.27 4.15 39.65
CA LEU A 164 17.61 3.75 40.03
C LEU A 164 17.80 2.24 39.95
N GLN A 165 16.83 1.47 40.48
CA GLN A 165 16.97 0.02 40.46
C GLN A 165 16.97 -0.53 39.05
N TYR A 166 16.16 0.06 38.16
CA TYR A 166 16.21 -0.33 36.75
C TYR A 166 17.51 0.09 36.10
N GLN A 167 18.05 1.24 36.51
CA GLN A 167 19.38 1.63 36.05
C GLN A 167 20.44 0.61 36.47
N LYS A 168 20.23 -0.05 37.61
CA LYS A 168 21.15 -1.08 38.05
C LYS A 168 20.90 -2.42 37.38
N GLU A 169 19.66 -2.73 37.01
CA GLU A 169 19.37 -3.98 36.32
C GLU A 169 19.86 -3.91 34.87
N THR A 170 19.69 -2.76 34.21
CA THR A 170 20.18 -2.61 32.84
C THR A 170 21.70 -2.58 32.80
N THR A 171 22.31 -1.79 33.67
CA THR A 171 23.77 -1.69 33.72
C THR A 171 24.33 -2.49 34.89
N SER A 181 21.24 -4.51 28.64
CA SER A 181 20.96 -5.09 27.33
C SER A 181 19.55 -4.76 26.88
N MET A 182 18.68 -4.43 27.83
CA MET A 182 17.30 -4.09 27.54
C MET A 182 16.99 -2.68 28.05
N PRO A 183 16.12 -1.94 27.36
CA PRO A 183 15.81 -0.58 27.80
C PRO A 183 14.97 -0.52 29.08
N PHE A 184 14.35 0.62 29.34
CA PHE A 184 13.63 0.87 30.57
C PHE A 184 12.18 0.38 30.51
N ILE A 185 11.46 0.72 29.43
CA ILE A 185 10.03 0.44 29.36
C ILE A 185 9.78 -1.05 29.13
N THR A 186 10.69 -1.74 28.43
CA THR A 186 10.51 -3.16 28.18
C THR A 186 10.56 -3.97 29.47
N TYR A 187 11.69 -3.89 30.19
CA TYR A 187 11.80 -4.57 31.47
C TYR A 187 10.78 -4.02 32.47
N LEU A 188 10.40 -2.75 32.32
CA LEU A 188 9.33 -2.19 33.13
C LEU A 188 8.04 -2.97 32.95
N SER A 189 7.65 -3.22 31.70
CA SER A 189 6.46 -4.02 31.43
C SER A 189 6.65 -5.47 31.84
N GLY A 190 7.89 -5.97 31.81
CA GLY A 190 8.17 -7.32 32.27
C GLY A 190 7.89 -7.49 33.74
N LEU A 191 8.53 -6.67 34.57
CA LEU A 191 8.24 -6.71 36.00
C LEU A 191 6.80 -6.27 36.31
N LEU A 192 6.16 -5.55 35.39
CA LEU A 192 4.71 -5.35 35.50
C LEU A 192 3.97 -6.67 35.38
N THR A 193 4.35 -7.49 34.40
CA THR A 193 3.79 -8.84 34.31
C THR A 193 4.20 -9.70 35.49
N ALA A 194 5.25 -9.32 36.22
CA ALA A 194 5.63 -10.06 37.42
C ALA A 194 4.59 -9.90 38.52
N GLN A 195 4.08 -8.67 38.73
CA GLN A 195 3.05 -8.47 39.73
C GLN A 195 1.71 -9.08 39.31
N MET A 196 1.49 -9.27 38.01
CA MET A 196 0.29 -10.00 37.57
C MET A 196 0.32 -11.45 38.01
N LEU A 197 1.49 -11.97 38.38
CA LEU A 197 1.61 -13.34 38.88
C LEU A 197 1.43 -13.41 40.39
N SER A 198 1.88 -12.40 41.12
CA SER A 198 1.79 -12.39 42.58
C SER A 198 1.25 -11.03 43.02
N ASP A 199 0.05 -11.04 43.61
CA ASP A 199 -0.57 -9.81 44.07
C ASP A 199 -0.99 -9.93 45.53
N SER A 204 1.61 -3.17 42.03
CA SER A 204 0.31 -3.70 42.41
C SER A 204 -0.81 -3.00 41.63
N GLY A 205 -1.34 -1.92 42.21
CA GLY A 205 -2.40 -1.17 41.55
C GLY A 205 -1.87 -0.06 40.67
N VAL A 206 -1.19 -0.42 39.59
CA VAL A 206 -0.58 0.53 38.67
C VAL A 206 -1.05 0.20 37.26
N GLU A 207 -1.29 1.24 36.45
CA GLU A 207 -1.69 1.09 35.07
C GLU A 207 -0.83 1.97 34.17
N ILE A 208 -0.61 1.49 32.96
CA ILE A 208 0.19 2.18 31.95
C ILE A 208 -0.68 2.43 30.73
N ARG A 209 -0.64 3.64 30.20
CA ARG A 209 -1.45 4.01 29.05
C ARG A 209 -0.55 4.41 27.89
N CYS A 210 -0.93 4.00 26.68
CA CYS A 210 -0.21 4.39 25.47
C CYS A 210 -1.19 4.47 24.32
N GLU A 211 -1.02 5.49 23.47
CA GLU A 211 -1.81 5.64 22.26
C GLU A 211 -0.90 5.99 21.10
N GLU A 212 -1.27 5.54 19.91
CA GLU A 212 -0.46 5.76 18.71
C GLU A 212 -1.25 6.58 17.71
N LYS A 213 -0.61 7.62 17.19
CA LYS A 213 -1.10 8.37 16.03
C LYS A 213 -0.35 7.83 14.81
N GLY A 214 -1.09 7.17 13.92
CA GLY A 214 -0.47 6.47 12.81
C GLY A 214 0.01 5.09 13.22
N ARG A 215 -0.51 4.05 12.59
CA ARG A 215 -0.11 2.70 12.90
C ARG A 215 1.39 2.52 12.64
N CYS A 216 2.02 1.65 13.44
CA CYS A 216 3.48 1.64 13.39
C CYS A 216 3.98 0.43 12.61
N PRO A 217 5.05 0.58 11.84
CA PRO A 217 5.58 -0.55 11.05
C PRO A 217 6.23 -1.61 11.93
N SER A 218 6.55 -2.73 11.29
CA SER A 218 7.31 -3.80 11.91
C SER A 218 8.81 -3.58 11.84
N THR A 219 9.25 -2.50 11.18
CA THR A 219 10.68 -2.22 11.09
C THR A 219 11.27 -1.91 12.46
N CYS A 220 10.48 -1.36 13.36
CA CYS A 220 10.94 -1.00 14.70
C CYS A 220 10.26 -1.87 15.74
N HIS A 221 11.02 -2.26 16.77
CA HIS A 221 10.51 -3.14 17.81
C HIS A 221 9.76 -2.38 18.89
N LEU A 222 10.12 -1.12 19.13
CA LEU A 222 9.61 -0.40 20.29
C LEU A 222 8.09 -0.22 20.23
N CYS A 223 7.52 -0.17 19.04
CA CYS A 223 6.13 0.19 18.86
C CYS A 223 5.24 -1.01 18.52
N ARG A 224 5.74 -2.23 18.70
CA ARG A 224 4.94 -3.40 18.38
C ARG A 224 3.78 -3.55 19.37
N ARG A 225 2.67 -4.10 18.87
CA ARG A 225 1.45 -4.20 19.65
C ARG A 225 1.01 -5.65 19.79
N PRO A 226 0.31 -5.99 20.89
CA PRO A 226 -0.19 -7.35 21.13
C PRO A 226 -1.12 -7.84 20.03
N LYS A 228 -0.46 -7.54 17.00
CA LYS A 228 0.52 -8.26 16.19
C LYS A 228 1.60 -7.33 15.65
N GLU A 229 1.66 -7.17 14.34
CA GLU A 229 2.62 -6.24 13.73
C GLU A 229 2.08 -5.81 12.38
N GLN A 230 2.66 -4.73 11.86
CA GLN A 230 2.18 -4.08 10.65
C GLN A 230 3.38 -3.72 9.79
N LEU A 231 3.22 -3.80 8.46
CA LEU A 231 4.28 -3.46 7.53
C LEU A 231 3.82 -2.30 6.65
N SER A 232 4.71 -1.32 6.46
CA SER A 232 4.48 -0.12 5.66
C SER A 232 3.11 0.50 5.93
N PRO A 233 2.87 1.03 7.12
CA PRO A 233 1.58 1.69 7.39
C PRO A 233 1.57 3.10 6.83
N THR A 234 0.36 3.62 6.70
CA THR A 234 0.17 4.98 6.19
C THR A 234 0.61 6.00 7.25
N PRO A 235 1.68 6.76 7.02
CA PRO A 235 2.10 7.74 8.02
C PRO A 235 1.08 8.86 8.17
N VAL A 236 0.69 9.14 9.41
CA VAL A 236 -0.27 10.19 9.70
C VAL A 236 0.49 11.48 9.99
N LEU A 237 -0.22 12.60 9.90
CA LEU A 237 0.37 13.90 10.20
C LEU A 237 0.81 13.98 11.65
N LEU A 238 2.11 13.86 11.89
CA LEU A 238 2.61 13.92 13.27
C LEU A 238 2.69 15.35 13.77
N GLU A 239 3.67 16.11 13.26
CA GLU A 239 3.87 17.46 13.77
C GLU A 239 4.12 18.43 12.62
N ILE A 240 3.96 19.72 12.94
CA ILE A 240 4.05 20.79 11.97
C ILE A 240 5.46 21.37 12.02
N ASN A 241 5.81 22.13 10.99
CA ASN A 241 7.14 22.75 10.93
C ASN A 241 7.07 24.24 10.65
N ARG A 242 7.00 24.61 9.37
CA ARG A 242 7.02 26.01 8.96
C ARG A 242 5.77 26.33 8.15
N VAL A 243 5.00 27.31 8.63
CA VAL A 243 3.74 27.68 8.02
C VAL A 243 3.87 29.07 7.41
N VAL A 244 3.18 29.29 6.30
CA VAL A 244 3.26 30.54 5.54
C VAL A 244 1.87 31.13 5.39
N PRO A 245 1.67 32.43 5.60
CA PRO A 245 0.32 33.01 5.51
C PRO A 245 -0.20 32.99 4.08
N LEU A 246 -1.49 33.30 3.96
CA LEU A 246 -2.20 33.25 2.68
C LEU A 246 -2.35 34.61 2.00
N TYR A 247 -2.20 35.71 2.75
CA TYR A 247 -2.41 37.02 2.12
C TYR A 247 -1.29 37.37 1.15
N THR A 248 -0.04 37.04 1.48
CA THR A 248 1.10 37.28 0.60
C THR A 248 0.98 36.57 -0.74
N LEU A 249 -0.11 35.86 -1.00
CA LEU A 249 -0.32 35.17 -2.25
C LEU A 249 -1.39 35.85 -3.11
N ILE A 250 -1.99 36.93 -2.62
CA ILE A 250 -3.07 37.58 -3.34
C ILE A 250 -2.54 38.66 -4.27
N GLN A 251 -1.38 39.25 -3.95
CA GLN A 251 -0.57 40.09 -4.83
C GLN A 251 -1.02 41.56 -4.83
N ASP A 252 -2.27 41.84 -4.49
CA ASP A 252 -2.78 43.21 -4.47
C ASP A 252 -2.96 43.67 -3.02
N ASN A 253 -2.50 44.88 -2.72
CA ASN A 253 -2.48 45.37 -1.35
C ASN A 253 -3.89 45.64 -0.81
N GLY A 254 -4.83 45.99 -1.69
CA GLY A 254 -6.18 46.30 -1.25
C GLY A 254 -6.83 45.17 -0.48
N THR A 255 -6.41 43.93 -0.73
CA THR A 255 -6.83 42.79 0.05
C THR A 255 -5.71 42.22 0.93
N LYS A 256 -4.47 42.69 0.75
CA LYS A 256 -3.42 42.39 1.71
C LYS A 256 -3.72 43.03 3.07
N GLU A 257 -3.84 44.36 3.07
CA GLU A 257 -4.16 45.06 4.32
C GLU A 257 -5.54 44.69 4.84
N ALA A 258 -6.47 44.36 3.94
CA ALA A 258 -7.79 43.92 4.39
C ALA A 258 -7.73 42.53 5.01
N PHE A 259 -6.87 41.67 4.47
CA PHE A 259 -6.74 40.32 5.02
C PHE A 259 -6.03 40.33 6.37
N LYS A 260 -4.84 40.94 6.43
CA LYS A 260 -4.12 41.02 7.70
C LYS A 260 -4.77 41.98 8.68
N SER A 261 -5.72 42.81 8.24
CA SER A 261 -6.47 43.67 9.14
C SER A 261 -7.67 42.93 9.75
N ALA A 262 -8.47 42.28 8.89
CA ALA A 262 -9.56 41.44 9.38
C ALA A 262 -9.06 40.18 10.06
N LEU A 263 -7.76 39.89 10.00
CA LEU A 263 -7.19 38.72 10.65
C LEU A 263 -6.92 38.94 12.13
N MET A 264 -6.88 40.19 12.59
CA MET A 264 -6.55 40.50 13.98
C MET A 264 -7.78 40.68 14.86
N SER A 265 -8.98 40.81 14.28
CA SER A 265 -10.17 41.02 15.09
C SER A 265 -10.47 39.81 15.95
N SER A 266 -10.30 38.61 15.40
CA SER A 266 -10.55 37.38 16.14
C SER A 266 -9.88 36.19 15.46
N ASN B 3 -1.37 -26.49 4.56
CA ASN B 3 -2.46 -25.52 4.58
C ASN B 3 -3.10 -25.31 3.21
N ASP B 4 -4.34 -24.85 3.21
CA ASP B 4 -5.05 -24.48 2.00
C ASP B 4 -6.06 -23.41 2.35
N THR B 5 -6.04 -22.30 1.60
CA THR B 5 -6.96 -21.20 1.82
C THR B 5 -6.99 -20.35 0.57
N LEU B 6 -7.91 -19.38 0.56
CA LEU B 6 -8.00 -18.44 -0.53
C LEU B 6 -6.99 -17.32 -0.34
N PHE B 7 -6.32 -16.93 -1.43
CA PHE B 7 -5.30 -15.89 -1.42
C PHE B 7 -4.11 -16.24 -0.53
N GLY B 8 -3.95 -17.53 -0.22
CA GLY B 8 -2.86 -17.98 0.62
C GLY B 8 -1.50 -17.98 -0.03
N GLU B 9 -1.41 -17.63 -1.31
CA GLU B 9 -0.12 -17.55 -1.98
C GLU B 9 0.74 -16.45 -1.38
N MET B 10 0.11 -15.40 -0.85
CA MET B 10 0.86 -14.36 -0.15
C MET B 10 1.50 -14.90 1.12
N LEU B 11 0.90 -15.94 1.70
CA LEU B 11 1.35 -16.51 2.96
C LEU B 11 2.51 -17.50 2.79
N HIS B 12 2.91 -17.80 1.55
CA HIS B 12 3.89 -18.84 1.28
C HIS B 12 5.15 -18.35 0.58
N GLY B 13 5.17 -17.13 0.06
CA GLY B 13 6.35 -16.59 -0.56
C GLY B 13 6.50 -16.97 -2.02
N TYR B 14 7.52 -16.39 -2.66
CA TYR B 14 7.77 -16.58 -4.07
C TYR B 14 9.28 -16.58 -4.31
N ASN B 15 9.72 -17.44 -5.22
CA ASN B 15 11.13 -17.53 -5.59
C ASN B 15 11.33 -16.92 -6.97
N ASN B 16 12.35 -16.07 -7.09
CA ASN B 16 12.58 -15.33 -8.33
C ASN B 16 13.25 -16.17 -9.40
N ARG B 17 14.20 -17.02 -9.02
CA ARG B 17 15.05 -17.69 -9.99
C ARG B 17 14.37 -18.91 -10.61
N THR B 18 13.60 -19.65 -9.82
CA THR B 18 12.90 -20.83 -10.31
C THR B 18 11.44 -20.59 -10.62
N GLN B 19 10.93 -19.40 -10.32
CA GLN B 19 9.53 -19.02 -10.58
C GLN B 19 8.53 -19.95 -9.90
N HIS B 20 8.95 -20.65 -8.85
CA HIS B 20 8.08 -21.53 -8.10
C HIS B 20 7.43 -20.78 -6.93
N VAL B 21 6.16 -21.10 -6.67
CA VAL B 21 5.39 -20.47 -5.62
C VAL B 21 5.02 -21.54 -4.60
N ASN B 22 4.66 -21.08 -3.40
CA ASN B 22 4.17 -21.95 -2.32
C ASN B 22 5.26 -22.92 -1.87
N GLN B 23 6.25 -22.35 -1.18
CA GLN B 23 7.34 -23.11 -0.58
C GLN B 23 7.53 -22.62 0.86
N GLY B 24 7.01 -23.40 1.80
CA GLY B 24 7.14 -23.07 3.21
C GLY B 24 6.15 -22.05 3.71
N GLN B 25 5.80 -22.14 4.99
CA GLN B 25 4.87 -21.20 5.63
C GLN B 25 5.65 -19.95 6.02
N VAL B 26 5.52 -18.89 5.23
CA VAL B 26 6.23 -17.65 5.52
C VAL B 26 5.51 -16.85 6.60
N PHE B 27 4.18 -16.78 6.51
CA PHE B 27 3.39 -16.02 7.47
C PHE B 27 2.37 -16.93 8.14
N GLN B 28 1.79 -16.42 9.23
CA GLN B 28 0.89 -17.19 10.08
C GLN B 28 -0.53 -17.11 9.54
N MET B 29 -1.25 -18.23 9.64
CA MET B 29 -2.62 -18.36 9.13
C MET B 29 -3.58 -18.33 10.32
N THR B 30 -4.31 -17.22 10.46
CA THR B 30 -5.25 -17.04 11.55
C THR B 30 -6.56 -16.48 11.02
N PHE B 31 -7.66 -16.84 11.68
CA PHE B 31 -9.01 -16.45 11.31
C PHE B 31 -9.66 -15.60 12.39
N ARG B 32 -8.90 -14.77 13.07
CA ARG B 32 -9.44 -13.95 14.14
C ARG B 32 -10.06 -12.66 13.65
N GLU B 33 -9.40 -11.97 12.71
CA GLU B 33 -9.98 -10.77 12.12
C GLU B 33 -11.14 -11.15 11.20
N ASN B 34 -12.27 -10.46 11.36
CA ASN B 34 -13.44 -10.70 10.52
C ASN B 34 -13.37 -9.97 9.19
N ASN B 35 -12.20 -9.96 8.55
CA ASN B 35 -12.00 -9.29 7.27
C ASN B 35 -12.53 -10.16 6.12
N PHE B 36 -13.84 -10.41 6.18
CA PHE B 36 -14.50 -11.20 5.16
C PHE B 36 -14.53 -10.46 3.83
N ILE B 37 -14.54 -11.22 2.74
CA ILE B 37 -14.65 -10.66 1.40
C ILE B 37 -16.02 -11.02 0.84
N LYS B 38 -16.51 -10.17 -0.05
CA LYS B 38 -17.88 -10.27 -0.56
C LYS B 38 -18.13 -11.62 -1.22
N ASP B 39 -19.15 -12.34 -0.72
CA ASP B 39 -19.64 -13.56 -1.34
C ASP B 39 -18.55 -14.64 -1.41
N PHE B 40 -17.73 -14.70 -0.37
CA PHE B 40 -16.70 -15.72 -0.27
C PHE B 40 -16.41 -15.98 1.20
N PRO B 41 -15.92 -17.18 1.55
CA PRO B 41 -15.69 -17.51 2.96
C PRO B 41 -14.63 -16.66 3.64
N GLN B 42 -14.37 -16.96 4.91
CA GLN B 42 -13.37 -16.23 5.68
C GLN B 42 -11.97 -16.52 5.15
N LEU B 43 -11.21 -15.46 4.93
CA LEU B 43 -9.81 -15.58 4.50
C LEU B 43 -8.88 -15.31 5.67
N ALA B 44 -7.62 -15.70 5.49
CA ALA B 44 -6.62 -15.47 6.52
C ALA B 44 -6.43 -13.97 6.73
N ASP B 45 -6.32 -13.56 8.00
CA ASP B 45 -6.16 -12.16 8.31
C ASP B 45 -4.81 -11.66 7.83
N GLY B 46 -4.56 -10.37 8.06
CA GLY B 46 -3.28 -9.80 7.68
C GLY B 46 -3.06 -9.65 6.19
N LEU B 47 -4.13 -9.73 5.40
CA LEU B 47 -4.04 -9.44 3.96
C LEU B 47 -5.37 -8.87 3.53
N LEU B 48 -5.35 -7.66 2.99
CA LEU B 48 -6.55 -6.99 2.52
C LEU B 48 -6.70 -7.18 1.02
N VAL B 49 -7.94 -7.38 0.58
CA VAL B 49 -8.24 -7.60 -0.82
C VAL B 49 -9.24 -6.55 -1.27
N ILE B 50 -9.06 -6.06 -2.50
CA ILE B 50 -9.89 -5.00 -3.07
C ILE B 50 -10.28 -5.41 -4.48
N PRO B 51 -11.56 -5.49 -4.81
CA PRO B 51 -11.96 -5.68 -6.21
C PRO B 51 -11.66 -4.42 -7.02
N LEU B 52 -10.93 -4.60 -8.12
CA LEU B 52 -10.65 -3.48 -8.99
C LEU B 52 -11.97 -2.92 -9.55
N PRO B 53 -12.00 -1.63 -9.88
CA PRO B 53 -13.26 -1.03 -10.36
C PRO B 53 -13.76 -1.70 -11.63
N VAL B 54 -15.05 -1.54 -11.88
CA VAL B 54 -15.73 -2.23 -12.97
C VAL B 54 -15.17 -1.85 -14.33
N GLU B 55 -14.53 -0.67 -14.43
CA GLU B 55 -14.03 -0.23 -15.72
C GLU B 55 -12.93 -1.13 -16.25
N GLU B 56 -12.23 -1.84 -15.37
CA GLU B 56 -11.17 -2.75 -15.78
C GLU B 56 -11.54 -4.22 -15.70
N GLN B 57 -12.57 -4.57 -14.93
CA GLN B 57 -13.01 -5.96 -14.87
C GLN B 57 -13.87 -6.29 -16.09
N CYS B 58 -13.86 -7.57 -16.46
CA CYS B 58 -14.55 -8.05 -17.66
C CYS B 58 -14.08 -7.29 -18.89
N ARG B 59 -12.75 -7.17 -19.02
CA ARG B 59 -12.14 -6.42 -20.10
C ARG B 59 -11.17 -7.32 -20.85
N GLY B 60 -11.38 -7.47 -22.16
CA GLY B 60 -10.53 -8.28 -23.01
C GLY B 60 -9.69 -7.39 -23.92
N VAL B 61 -8.39 -7.61 -23.88
CA VAL B 61 -7.43 -6.87 -24.69
C VAL B 61 -7.03 -7.73 -25.88
N LEU B 62 -6.86 -7.09 -27.03
CA LEU B 62 -6.52 -7.73 -28.30
C LEU B 62 -5.14 -7.25 -28.72
N SER B 63 -4.18 -8.15 -28.76
CA SER B 63 -2.80 -7.80 -29.07
C SER B 63 -2.62 -7.55 -30.57
N GLU B 64 -1.40 -7.21 -30.96
CA GLU B 64 -1.05 -6.92 -32.33
C GLU B 64 -0.67 -8.20 -33.07
N PRO B 65 -0.73 -8.19 -34.41
CA PRO B 65 -0.38 -9.40 -35.16
C PRO B 65 1.00 -9.93 -34.82
N LEU B 66 1.14 -11.25 -34.90
CA LEU B 66 2.33 -11.94 -34.44
C LEU B 66 2.65 -13.07 -35.41
N PRO B 67 3.86 -13.13 -35.95
CA PRO B 67 4.24 -14.24 -36.84
C PRO B 67 4.29 -15.56 -36.09
N ASP B 68 3.47 -16.52 -36.54
CA ASP B 68 3.39 -17.82 -35.91
C ASP B 68 4.74 -18.53 -35.94
N LEU B 69 5.56 -18.31 -34.92
CA LEU B 69 6.88 -18.95 -34.88
C LEU B 69 6.77 -20.45 -34.71
N GLN B 70 5.69 -20.94 -34.11
CA GLN B 70 5.49 -22.38 -33.97
C GLN B 70 5.46 -23.06 -35.33
N LEU B 71 4.72 -22.49 -36.28
CA LEU B 71 4.70 -23.05 -37.62
C LEU B 71 5.97 -22.72 -38.39
N LEU B 72 6.45 -21.47 -38.27
CA LEU B 72 7.65 -21.07 -39.00
C LEU B 72 8.83 -21.96 -38.67
N THR B 73 8.98 -22.34 -37.41
CA THR B 73 10.02 -23.29 -37.03
C THR B 73 9.71 -24.67 -37.60
N GLY B 74 10.76 -25.38 -37.98
CA GLY B 74 10.60 -26.69 -38.60
C GLY B 74 10.64 -26.61 -40.11
N ASP B 75 9.80 -27.40 -40.78
CA ASP B 75 9.79 -27.47 -42.23
C ASP B 75 8.34 -27.33 -42.73
N ILE B 76 7.98 -26.11 -43.14
CA ILE B 76 6.73 -25.84 -43.83
C ILE B 76 7.02 -24.86 -44.95
N ARG B 77 6.08 -24.73 -45.87
CA ARG B 77 6.23 -23.86 -47.03
C ARG B 77 4.97 -23.04 -47.24
N TYR B 78 5.14 -21.73 -47.45
CA TYR B 78 4.05 -20.81 -47.67
C TYR B 78 4.35 -19.96 -48.90
N ASP B 79 3.32 -19.28 -49.39
CA ASP B 79 3.48 -18.36 -50.51
C ASP B 79 4.13 -17.07 -50.02
N GLU B 80 5.29 -16.74 -50.60
CA GLU B 80 6.01 -15.54 -50.18
C GLU B 80 5.24 -14.27 -50.54
N ALA B 81 4.47 -14.30 -51.63
CA ALA B 81 3.71 -13.12 -52.03
C ALA B 81 2.63 -12.77 -51.03
N MET B 82 2.10 -13.77 -50.31
CA MET B 82 1.06 -13.52 -49.32
C MET B 82 1.62 -13.16 -47.95
N GLY B 83 2.76 -13.74 -47.57
CA GLY B 83 3.35 -13.45 -46.28
C GLY B 83 3.42 -14.67 -45.38
N TYR B 84 4.29 -14.60 -44.37
CA TYR B 84 4.47 -15.71 -43.45
C TYR B 84 3.23 -15.90 -42.59
N PRO B 85 3.04 -17.11 -42.05
CA PRO B 85 1.88 -17.35 -41.18
C PRO B 85 1.85 -16.43 -39.98
N MET B 86 0.66 -16.30 -39.38
CA MET B 86 0.45 -15.36 -38.30
C MET B 86 -0.35 -16.01 -37.18
N VAL B 87 -0.30 -15.37 -36.01
CA VAL B 87 -1.15 -15.71 -34.87
C VAL B 87 -1.56 -14.42 -34.18
N GLN B 88 -2.67 -14.50 -33.45
CA GLN B 88 -3.22 -13.36 -32.73
C GLN B 88 -3.63 -13.82 -31.34
N GLN B 89 -3.17 -13.09 -30.33
CA GLN B 89 -3.49 -13.38 -28.93
C GLN B 89 -4.42 -12.31 -28.37
N TRP B 90 -5.43 -12.74 -27.64
CA TRP B 90 -6.31 -11.82 -26.93
C TRP B 90 -6.67 -12.47 -25.60
N ARG B 91 -6.82 -11.65 -24.56
CA ARG B 91 -7.07 -12.21 -23.24
C ARG B 91 -8.11 -11.36 -22.51
N VAL B 92 -9.07 -12.04 -21.88
CA VAL B 92 -10.07 -11.36 -21.06
C VAL B 92 -9.68 -11.48 -19.60
N ARG B 93 -9.86 -10.38 -18.86
CA ARG B 93 -9.61 -10.32 -17.43
C ARG B 93 -10.92 -9.91 -16.76
N SER B 94 -11.47 -10.82 -15.98
CA SER B 94 -12.69 -10.58 -15.22
C SER B 94 -12.51 -11.14 -13.82
N ASN B 95 -13.47 -10.83 -12.94
CA ASN B 95 -13.44 -11.28 -11.55
C ASN B 95 -12.16 -10.81 -10.85
N LEU B 96 -11.64 -9.66 -11.29
CA LEU B 96 -10.34 -9.19 -10.84
C LEU B 96 -10.39 -8.80 -9.37
N TYR B 97 -9.56 -9.45 -8.56
CA TYR B 97 -9.44 -9.15 -7.13
C TYR B 97 -7.97 -8.93 -6.81
N ARG B 98 -7.61 -7.69 -6.49
CA ARG B 98 -6.23 -7.36 -6.14
C ARG B 98 -6.00 -7.64 -4.67
N VAL B 99 -4.87 -8.26 -4.36
CA VAL B 99 -4.57 -8.73 -3.01
C VAL B 99 -3.30 -8.08 -2.53
N LYS B 100 -3.40 -7.31 -1.44
CA LYS B 100 -2.24 -6.69 -0.80
C LYS B 100 -2.10 -7.27 0.60
N LEU B 101 -1.05 -8.06 0.82
CA LEU B 101 -0.73 -8.53 2.15
C LEU B 101 -0.24 -7.37 3.01
N SER B 102 -0.88 -7.16 4.14
CA SER B 102 -0.49 -6.09 5.05
C SER B 102 -0.87 -6.47 6.48
N THR B 103 0.07 -6.29 7.40
CA THR B 103 -0.12 -6.46 8.84
C THR B 103 -0.50 -7.91 9.19
N ILE B 104 0.47 -8.79 8.96
CA ILE B 104 0.29 -10.20 9.28
C ILE B 104 1.51 -10.72 10.03
N THR B 105 1.26 -11.63 10.97
CA THR B 105 2.35 -12.31 11.66
C THR B 105 2.92 -13.43 10.80
N LEU B 106 4.19 -13.73 11.04
CA LEU B 106 4.88 -14.81 10.38
C LEU B 106 4.73 -16.13 11.16
N ALA B 107 5.02 -17.22 10.48
CA ALA B 107 4.79 -18.55 11.03
C ALA B 107 5.86 -18.91 12.06
N ALA B 108 5.73 -20.12 12.63
CA ALA B 108 6.61 -20.58 13.71
C ALA B 108 7.86 -21.26 13.18
N GLY B 109 7.71 -22.18 12.22
CA GLY B 109 8.86 -22.80 11.60
C GLY B 109 9.81 -21.77 11.02
N PHE B 110 9.26 -20.71 10.44
CA PHE B 110 10.08 -19.60 9.95
C PHE B 110 10.88 -18.98 11.09
N THR B 111 10.26 -18.82 12.26
CA THR B 111 10.97 -18.27 13.41
C THR B 111 12.12 -19.17 13.83
N ASN B 112 11.85 -20.47 14.00
CA ASN B 112 12.88 -21.33 14.55
C ASN B 112 14.02 -21.54 13.56
N VAL B 113 13.72 -21.62 12.26
CA VAL B 113 14.82 -21.71 11.31
C VAL B 113 15.59 -20.39 11.25
N LEU B 114 14.90 -19.25 11.46
CA LEU B 114 15.61 -17.98 11.52
C LEU B 114 16.57 -17.95 12.70
N LYS B 115 16.09 -18.30 13.90
CA LYS B 115 16.96 -18.26 15.07
C LYS B 115 18.09 -19.27 14.97
N ILE B 116 17.86 -20.40 14.30
CA ILE B 116 18.95 -21.35 14.08
C ILE B 116 19.97 -20.77 13.10
N LEU B 117 19.50 -20.02 12.10
CA LEU B 117 20.42 -19.36 11.18
C LEU B 117 21.13 -18.17 11.81
N THR B 118 20.63 -17.66 12.93
CA THR B 118 21.28 -16.53 13.60
C THR B 118 22.22 -16.95 14.72
N LYS B 119 21.93 -18.04 15.42
CA LYS B 119 22.83 -18.52 16.47
C LYS B 119 24.20 -18.87 15.89
N GLU B 120 24.22 -19.60 14.78
CA GLU B 120 25.46 -19.96 14.09
C GLU B 120 25.20 -19.83 12.59
N SER B 121 25.60 -18.70 12.03
CA SER B 121 25.40 -18.44 10.61
C SER B 121 26.45 -19.18 9.77
N SER B 122 26.02 -19.69 8.62
CA SER B 122 26.91 -20.44 7.73
C SER B 122 26.52 -20.10 6.30
N ARG B 123 27.00 -20.93 5.36
CA ARG B 123 26.74 -20.71 3.94
C ARG B 123 25.97 -21.84 3.27
N GLU B 124 25.93 -23.04 3.87
CA GLU B 124 25.22 -24.17 3.28
C GLU B 124 23.78 -24.27 3.79
N GLU B 125 23.60 -24.24 5.11
CA GLU B 125 22.26 -24.22 5.68
C GLU B 125 21.47 -23.01 5.20
N LEU B 126 22.16 -21.93 4.86
CA LEU B 126 21.50 -20.78 4.25
C LEU B 126 20.96 -21.13 2.86
N LEU B 127 21.77 -21.82 2.05
CA LEU B 127 21.30 -22.22 0.73
C LEU B 127 20.14 -23.20 0.84
N SER B 128 20.17 -24.08 1.85
CA SER B 128 19.03 -24.95 2.10
C SER B 128 17.80 -24.14 2.50
N PHE B 129 18.01 -23.08 3.28
CA PHE B 129 16.92 -22.17 3.64
C PHE B 129 16.31 -21.55 2.39
N ILE B 130 17.15 -21.11 1.45
CA ILE B 130 16.64 -20.44 0.25
C ILE B 130 15.92 -21.43 -0.65
N GLN B 131 16.46 -22.64 -0.81
CA GLN B 131 15.76 -23.63 -1.63
C GLN B 131 14.51 -24.16 -0.95
N HIS B 132 14.37 -23.96 0.36
CA HIS B 132 13.19 -24.45 1.07
C HIS B 132 12.07 -23.41 1.09
N TYR B 133 12.35 -22.19 1.55
CA TYR B 133 11.34 -21.16 1.67
C TYR B 133 11.28 -20.21 0.48
N GLY B 134 12.24 -20.29 -0.44
CA GLY B 134 12.28 -19.39 -1.56
C GLY B 134 13.28 -18.26 -1.36
N SER B 135 13.07 -17.18 -2.09
CA SER B 135 13.94 -16.02 -2.03
C SER B 135 13.22 -14.73 -1.66
N HIS B 136 11.94 -14.59 -2.00
CA HIS B 136 11.18 -13.39 -1.72
C HIS B 136 9.82 -13.76 -1.15
N TYR B 137 9.07 -12.73 -0.75
CA TYR B 137 7.66 -12.88 -0.42
C TYR B 137 6.89 -11.81 -1.17
N ILE B 138 5.70 -12.16 -1.64
CA ILE B 138 4.92 -11.29 -2.51
C ILE B 138 4.05 -10.38 -1.66
N ALA B 139 4.04 -9.08 -1.99
CA ALA B 139 3.27 -8.08 -1.26
C ALA B 139 1.95 -7.73 -1.92
N GLU B 140 1.93 -7.56 -3.24
CA GLU B 140 0.72 -7.21 -3.98
C GLU B 140 0.61 -8.09 -5.20
N ALA B 141 -0.61 -8.58 -5.47
CA ALA B 141 -0.86 -9.50 -6.57
C ALA B 141 -2.20 -9.17 -7.20
N LEU B 142 -2.38 -9.68 -8.42
CA LEU B 142 -3.65 -9.55 -9.14
C LEU B 142 -4.23 -10.94 -9.35
N TYR B 143 -5.42 -11.16 -8.80
CA TYR B 143 -6.20 -12.37 -8.98
C TYR B 143 -7.39 -12.10 -9.90
N GLY B 144 -8.04 -13.17 -10.31
CA GLY B 144 -9.23 -13.05 -11.12
C GLY B 144 -9.39 -14.27 -12.00
N SER B 145 -10.24 -14.12 -13.02
CA SER B 145 -10.54 -15.17 -13.98
C SER B 145 -10.14 -14.67 -15.37
N GLU B 146 -8.97 -15.11 -15.83
CA GLU B 146 -8.41 -14.66 -17.11
C GLU B 146 -8.52 -15.79 -18.12
N LEU B 147 -9.02 -15.47 -19.31
CA LEU B 147 -9.05 -16.41 -20.42
C LEU B 147 -8.12 -15.89 -21.51
N THR B 148 -7.02 -16.59 -21.74
CA THR B 148 -6.06 -16.23 -22.78
C THR B 148 -6.31 -17.14 -23.99
N CYS B 149 -6.83 -16.55 -25.06
CA CYS B 149 -7.13 -17.29 -26.27
C CYS B 149 -6.26 -16.80 -27.42
N ILE B 150 -5.88 -17.73 -28.29
CA ILE B 150 -5.06 -17.42 -29.46
C ILE B 150 -5.72 -18.01 -30.69
N ILE B 151 -5.38 -17.44 -31.85
CA ILE B 151 -5.94 -17.87 -33.12
C ILE B 151 -4.85 -17.87 -34.18
N HIS B 152 -4.82 -18.91 -35.01
CA HIS B 152 -3.80 -19.08 -36.03
C HIS B 152 -4.38 -18.69 -37.38
N PHE B 153 -3.69 -17.71 -38.10
CA PHE B 153 -3.94 -17.17 -39.42
C PHE B 153 -2.93 -17.74 -40.42
N PRO B 154 -3.43 -18.18 -41.58
CA PRO B 154 -2.54 -18.81 -42.55
C PRO B 154 -1.43 -17.91 -43.06
N SER B 155 -1.75 -16.66 -43.39
CA SER B 155 -0.78 -15.74 -43.95
C SER B 155 -0.87 -14.39 -43.25
N LYS B 156 -0.05 -13.45 -43.71
CA LYS B 156 0.01 -12.10 -43.15
C LYS B 156 -1.02 -11.18 -43.80
N LYS B 157 -0.93 -11.01 -45.12
CA LYS B 157 -1.85 -10.11 -45.82
C LYS B 157 -3.30 -10.57 -45.74
N VAL B 158 -3.53 -11.85 -45.43
CA VAL B 158 -4.91 -12.31 -45.27
C VAL B 158 -5.47 -11.87 -43.92
N GLN B 159 -4.64 -11.85 -42.87
CA GLN B 159 -5.08 -11.31 -41.60
C GLN B 159 -5.21 -9.79 -41.67
N GLN B 160 -4.32 -9.14 -42.41
CA GLN B 160 -4.44 -7.69 -42.59
C GLN B 160 -5.73 -7.34 -43.33
N GLN B 161 -5.99 -8.02 -44.46
CA GLN B 161 -7.20 -7.74 -45.21
C GLN B 161 -8.46 -8.19 -44.47
N LEU B 162 -8.33 -9.15 -43.54
CA LEU B 162 -9.48 -9.58 -42.75
C LEU B 162 -9.80 -8.57 -41.65
N TRP B 163 -8.78 -8.14 -40.91
CA TRP B 163 -8.98 -7.15 -39.87
C TRP B 163 -9.45 -5.82 -40.45
N LEU B 164 -8.75 -5.31 -41.46
CA LEU B 164 -9.23 -4.13 -42.17
C LEU B 164 -10.58 -4.37 -42.82
N GLN B 165 -10.87 -5.62 -43.19
CA GLN B 165 -12.20 -5.93 -43.72
C GLN B 165 -13.27 -5.80 -42.65
N TYR B 166 -12.93 -6.05 -41.38
CA TYR B 166 -13.89 -5.92 -40.30
C TYR B 166 -13.93 -4.53 -39.67
N GLN B 167 -12.93 -3.69 -39.94
CA GLN B 167 -12.97 -2.32 -39.42
C GLN B 167 -14.21 -1.58 -39.89
N LYS B 168 -14.63 -1.80 -41.13
CA LYS B 168 -15.84 -1.18 -41.65
C LYS B 168 -17.10 -1.97 -41.34
N GLU B 169 -16.97 -3.24 -40.99
CA GLU B 169 -18.15 -4.07 -40.71
C GLU B 169 -18.65 -3.89 -39.29
N THR B 170 -17.77 -3.54 -38.34
CA THR B 170 -18.19 -3.40 -36.95
C THR B 170 -18.95 -2.10 -36.71
N THR B 171 -18.62 -1.03 -37.43
CA THR B 171 -19.30 0.25 -37.28
C THR B 171 -19.61 0.86 -38.64
N SER B 181 -17.86 -1.79 -32.90
CA SER B 181 -18.28 -1.75 -31.50
C SER B 181 -18.46 -3.17 -30.95
N MET B 182 -18.40 -4.16 -31.85
CA MET B 182 -18.55 -5.55 -31.47
C MET B 182 -17.20 -6.24 -31.37
N PRO B 183 -17.07 -7.24 -30.49
CA PRO B 183 -15.79 -7.95 -30.35
C PRO B 183 -15.40 -8.72 -31.61
N PHE B 184 -14.22 -9.34 -31.59
CA PHE B 184 -13.64 -9.94 -32.79
C PHE B 184 -13.79 -11.46 -32.82
N ILE B 185 -13.27 -12.15 -31.80
CA ILE B 185 -13.18 -13.62 -31.85
C ILE B 185 -14.55 -14.24 -32.04
N THR B 186 -15.61 -13.62 -31.52
CA THR B 186 -16.95 -14.11 -31.79
C THR B 186 -17.39 -13.80 -33.21
N TYR B 187 -16.78 -12.80 -33.84
CA TYR B 187 -17.05 -12.52 -35.25
C TYR B 187 -16.39 -13.57 -36.13
N LEU B 188 -15.10 -13.86 -35.91
CA LEU B 188 -14.46 -14.94 -36.67
C LEU B 188 -15.12 -16.28 -36.40
N SER B 189 -15.44 -16.57 -35.13
CA SER B 189 -16.06 -17.85 -34.80
C SER B 189 -17.48 -17.94 -35.36
N GLY B 190 -18.19 -16.82 -35.45
CA GLY B 190 -19.50 -16.83 -36.07
C GLY B 190 -19.41 -17.03 -37.58
N LEU B 191 -18.41 -16.43 -38.21
CA LEU B 191 -18.22 -16.61 -39.64
C LEU B 191 -17.85 -18.06 -39.96
N LEU B 192 -16.85 -18.61 -39.27
CA LEU B 192 -16.42 -19.98 -39.56
C LEU B 192 -17.48 -21.00 -39.13
N THR B 193 -18.22 -20.71 -38.07
CA THR B 193 -19.24 -21.63 -37.61
C THR B 193 -20.46 -21.63 -38.52
N ALA B 194 -20.86 -20.45 -39.00
CA ALA B 194 -22.05 -20.34 -39.84
C ALA B 194 -21.74 -20.86 -41.24
N GLN B 195 -20.48 -21.26 -41.46
CA GLN B 195 -20.07 -21.78 -42.75
C GLN B 195 -19.88 -23.29 -42.79
N MET B 196 -19.77 -23.95 -41.63
CA MET B 196 -19.81 -25.42 -41.63
C MET B 196 -21.17 -25.93 -42.07
N LEU B 197 -22.20 -25.09 -41.99
CA LEU B 197 -23.54 -25.47 -42.45
C LEU B 197 -23.69 -25.24 -43.95
N SER B 198 -23.12 -24.16 -44.47
CA SER B 198 -23.21 -23.83 -45.88
C SER B 198 -22.14 -22.81 -46.23
N ASP B 199 -21.89 -22.67 -47.54
CA ASP B 199 -20.93 -21.72 -48.12
C ASP B 199 -19.48 -22.14 -47.91
N ASP B 200 -18.56 -21.41 -48.54
CA ASP B 200 -17.13 -21.71 -48.50
C ASP B 200 -16.37 -20.45 -48.10
N GLN B 201 -15.38 -20.61 -47.22
CA GLN B 201 -14.68 -19.49 -46.62
C GLN B 201 -13.18 -19.58 -46.86
N LEU B 202 -12.55 -18.43 -47.06
CA LEU B 202 -11.11 -18.32 -46.97
C LEU B 202 -10.63 -18.33 -45.53
N ILE B 203 -11.50 -17.93 -44.59
CA ILE B 203 -11.15 -17.92 -43.17
C ILE B 203 -11.35 -19.27 -42.51
N SER B 204 -11.72 -20.31 -43.26
CA SER B 204 -11.82 -21.64 -42.69
C SER B 204 -10.46 -22.20 -42.31
N GLY B 205 -9.37 -21.60 -42.82
CA GLY B 205 -8.04 -22.06 -42.47
C GLY B 205 -7.58 -21.61 -41.09
N VAL B 206 -8.07 -20.46 -40.62
CA VAL B 206 -7.71 -20.00 -39.29
C VAL B 206 -8.28 -20.96 -38.25
N GLU B 207 -7.57 -21.09 -37.13
CA GLU B 207 -7.95 -22.05 -36.10
C GLU B 207 -7.89 -21.38 -34.73
N ILE B 208 -8.99 -21.47 -33.98
CA ILE B 208 -9.11 -20.82 -32.68
C ILE B 208 -8.81 -21.85 -31.59
N ARG B 209 -7.95 -21.47 -30.65
CA ARG B 209 -7.65 -22.30 -29.49
C ARG B 209 -7.59 -21.41 -28.26
N CYS B 210 -8.47 -21.68 -27.29
CA CYS B 210 -8.59 -20.88 -26.09
C CYS B 210 -8.02 -21.63 -24.88
N GLU B 211 -7.45 -20.86 -23.95
CA GLU B 211 -6.98 -21.39 -22.68
C GLU B 211 -7.57 -20.55 -21.56
N GLU B 212 -7.74 -21.17 -20.39
CA GLU B 212 -8.44 -20.54 -19.28
C GLU B 212 -7.69 -20.79 -17.98
N LYS B 213 -7.54 -19.73 -17.18
CA LYS B 213 -7.13 -19.87 -15.79
C LYS B 213 -8.01 -18.97 -14.94
N GLY B 214 -8.78 -19.58 -14.06
CA GLY B 214 -9.84 -18.87 -13.35
C GLY B 214 -11.14 -18.95 -14.12
N ARG B 215 -12.14 -19.61 -13.54
CA ARG B 215 -13.40 -19.83 -14.23
C ARG B 215 -14.11 -18.51 -14.49
N CYS B 216 -14.54 -18.31 -15.73
CA CYS B 216 -15.27 -17.11 -16.11
C CYS B 216 -16.61 -17.05 -15.37
N PRO B 217 -16.89 -15.99 -14.63
CA PRO B 217 -18.19 -15.89 -13.95
C PRO B 217 -19.31 -15.65 -14.94
N SER B 218 -20.53 -15.99 -14.49
CA SER B 218 -21.69 -15.83 -15.36
C SER B 218 -22.04 -14.38 -15.60
N THR B 219 -21.49 -13.45 -14.81
CA THR B 219 -21.80 -12.04 -14.99
C THR B 219 -21.07 -11.46 -16.19
N CYS B 220 -19.87 -11.94 -16.48
CA CYS B 220 -19.07 -11.46 -17.61
C CYS B 220 -19.35 -12.35 -18.81
N HIS B 221 -20.07 -11.83 -19.80
CA HIS B 221 -20.43 -12.59 -20.98
C HIS B 221 -19.36 -12.54 -22.07
N LEU B 222 -18.35 -11.67 -21.93
CA LEU B 222 -17.25 -11.66 -22.89
C LEU B 222 -16.34 -12.87 -22.77
N CYS B 223 -16.55 -13.72 -21.76
CA CYS B 223 -15.77 -14.94 -21.61
C CYS B 223 -16.65 -16.18 -21.46
N ARG B 224 -17.88 -16.13 -21.96
CA ARG B 224 -18.83 -17.22 -21.76
C ARG B 224 -18.29 -18.53 -22.30
N ARG B 225 -18.39 -19.57 -21.47
CA ARG B 225 -17.91 -20.91 -21.80
C ARG B 225 -19.14 -21.82 -21.92
N PRO B 226 -19.00 -23.15 -22.17
CA PRO B 226 -20.19 -24.01 -22.24
C PRO B 226 -21.05 -23.98 -21.00
N GLY B 227 -22.15 -24.74 -21.03
CA GLY B 227 -23.17 -24.71 -19.98
C GLY B 227 -22.70 -25.01 -18.57
N LYS B 228 -21.42 -25.33 -18.40
CA LYS B 228 -20.84 -25.57 -17.09
C LYS B 228 -20.53 -24.29 -16.33
N GLU B 229 -21.05 -23.15 -16.79
CA GLU B 229 -20.76 -21.88 -16.13
C GLU B 229 -21.39 -21.82 -14.75
N GLN B 230 -20.69 -21.21 -13.81
CA GLN B 230 -21.13 -21.11 -12.43
C GLN B 230 -20.97 -19.66 -11.96
N LEU B 231 -21.89 -19.23 -11.10
CA LEU B 231 -21.90 -17.86 -10.61
C LEU B 231 -20.81 -17.65 -9.57
N SER B 232 -19.94 -16.66 -9.81
CA SER B 232 -18.88 -16.23 -8.91
C SER B 232 -18.01 -17.42 -8.49
N PRO B 233 -17.11 -17.88 -9.35
CA PRO B 233 -16.22 -18.97 -8.99
C PRO B 233 -14.91 -18.46 -8.38
N THR B 234 -14.13 -19.40 -7.87
CA THR B 234 -12.90 -19.05 -7.16
C THR B 234 -11.89 -18.43 -8.13
N PRO B 235 -11.31 -17.28 -7.80
CA PRO B 235 -10.32 -16.66 -8.70
C PRO B 235 -8.89 -17.09 -8.38
N VAL B 236 -8.20 -17.64 -9.36
CA VAL B 236 -6.83 -18.12 -9.18
C VAL B 236 -5.87 -16.95 -9.33
N LEU B 237 -4.62 -17.13 -8.91
CA LEU B 237 -3.62 -16.08 -9.03
C LEU B 237 -3.33 -15.80 -10.50
N LEU B 238 -3.44 -14.53 -10.90
CA LEU B 238 -3.16 -14.13 -12.27
C LEU B 238 -1.72 -13.65 -12.43
N GLU B 239 -1.37 -12.56 -11.73
CA GLU B 239 -0.02 -12.01 -11.87
C GLU B 239 0.50 -11.58 -10.50
N ILE B 240 1.83 -11.53 -10.41
CA ILE B 240 2.54 -11.08 -9.21
C ILE B 240 2.85 -9.60 -9.40
N ASN B 241 1.99 -8.74 -8.85
CA ASN B 241 2.11 -7.31 -9.12
C ASN B 241 3.30 -6.70 -8.38
N ARG B 242 3.54 -7.13 -7.15
CA ARG B 242 4.59 -6.55 -6.32
C ARG B 242 5.25 -7.63 -5.49
N VAL B 243 6.58 -7.72 -5.57
CA VAL B 243 7.37 -8.73 -4.88
C VAL B 243 8.42 -8.03 -4.04
N VAL B 244 8.55 -8.46 -2.78
CA VAL B 244 9.46 -7.84 -1.82
C VAL B 244 10.45 -8.90 -1.35
N PRO B 245 11.74 -8.58 -1.24
CA PRO B 245 12.72 -9.59 -0.80
C PRO B 245 12.43 -10.11 0.60
N LEU B 246 12.93 -11.31 0.87
CA LEU B 246 12.71 -11.98 2.14
C LEU B 246 13.75 -11.64 3.19
N TYR B 247 14.92 -11.15 2.79
CA TYR B 247 15.97 -10.81 3.74
C TYR B 247 15.70 -9.54 4.52
N THR B 248 14.50 -8.96 4.44
CA THR B 248 14.15 -7.83 5.29
C THR B 248 13.54 -8.26 6.61
N LEU B 249 13.14 -9.53 6.73
CA LEU B 249 12.56 -10.03 7.98
C LEU B 249 13.65 -10.36 9.00
N ILE B 250 14.83 -10.78 8.53
CA ILE B 250 15.92 -11.09 9.44
C ILE B 250 16.43 -9.80 10.09
N GLN B 251 16.84 -9.91 11.35
CA GLN B 251 17.22 -8.74 12.14
C GLN B 251 18.73 -8.57 12.25
N ASP B 252 19.48 -9.67 12.35
CA ASP B 252 20.94 -9.59 12.45
C ASP B 252 21.53 -8.98 11.20
N ASN B 253 22.13 -7.79 11.32
CA ASN B 253 22.62 -7.06 10.15
C ASN B 253 23.77 -7.80 9.48
N GLY B 254 24.72 -8.31 10.26
CA GLY B 254 25.86 -8.99 9.69
C GLY B 254 25.47 -10.29 8.98
N THR B 255 24.72 -11.14 9.68
CA THR B 255 24.25 -12.37 9.05
C THR B 255 23.39 -12.07 7.84
N LYS B 256 22.59 -11.01 7.90
CA LYS B 256 21.84 -10.56 6.71
C LYS B 256 22.78 -10.23 5.57
N GLU B 257 23.89 -9.55 5.86
CA GLU B 257 24.89 -9.25 4.84
C GLU B 257 25.45 -10.52 4.22
N ALA B 258 25.75 -11.52 5.05
CA ALA B 258 26.21 -12.80 4.52
C ALA B 258 25.15 -13.45 3.64
N PHE B 259 23.89 -13.35 4.04
CA PHE B 259 22.81 -13.99 3.30
C PHE B 259 22.62 -13.36 1.92
N LYS B 260 22.44 -12.03 1.88
CA LYS B 260 22.25 -11.37 0.60
C LYS B 260 23.52 -11.42 -0.24
N SER B 261 24.68 -11.54 0.39
CA SER B 261 25.90 -11.80 -0.37
C SER B 261 25.96 -13.21 -0.91
N ALA B 262 25.16 -14.13 -0.34
CA ALA B 262 25.11 -15.50 -0.85
C ALA B 262 24.03 -15.70 -1.90
N LEU B 263 22.97 -14.89 -1.91
CA LEU B 263 21.99 -15.02 -2.98
C LEU B 263 22.58 -14.57 -4.31
N MET B 264 23.51 -13.61 -4.29
CA MET B 264 24.12 -13.14 -5.53
C MET B 264 25.01 -14.19 -6.17
N SER B 265 25.64 -15.04 -5.35
CA SER B 265 26.52 -16.06 -5.90
C SER B 265 25.75 -17.19 -6.55
N SER B 266 24.52 -17.44 -6.10
CA SER B 266 23.70 -18.50 -6.66
C SER B 266 23.17 -18.14 -8.04
#